data_3MR6
#
_entry.id   3MR6
#
_cell.length_a   98.044
_cell.length_b   98.044
_cell.length_c   82.046
_cell.angle_alpha   90.00
_cell.angle_beta   90.00
_cell.angle_gamma   120.00
#
_symmetry.space_group_name_H-M   'P 61'
#
loop_
_entity.id
_entity.type
_entity.pdbx_description
1 polymer 'DNA polymerase eta'
2 polymer "DNA (5'-D(*C*AP*TP*CP*AP*(TTD)P*AP*CP*GP*AP*GP*C)-3')"
3 polymer "DNA (5'-D(*TP*CP*TP*CP*GP*TP*AP*AP*T)-3')"
4 non-polymer "2'-deoxy-5'-O-[(R)-hydroxy{[(R)-hydroxy(phosphonooxy)phosphoryl]amino}phosphoryl]guanosine"
5 non-polymer 'MAGNESIUM ION'
6 non-polymer GLYCEROL
7 water water
#
loop_
_entity_poly.entity_id
_entity_poly.type
_entity_poly.pdbx_seq_one_letter_code
_entity_poly.pdbx_strand_id
1 'polypeptide(L)'
;GPHMATGQDRVVALVDMDCFFVQVEQRQNPHLRNKPCAVVQYKSWKGGGIIAVSYEARAFGVTRSMWADDAKKLCPDLLL
AQVRESRGKANLTKYREASVEVMEIMSRFAVIERASIDEAYVDLTSAVQERLQKLQGQPISADLLPSTYIEGLPQGPTTA
EETVQKEGMRKQGLFQWLDSLQIDNLTSPDLQLTVGAVIVEEMRAAIERETGFQCSAGISHNKVLAKLACGLNKPNRQTL
VSHGSVPQLFSQMPIRKIRSLGGKLGASVIEILGIEYMGELTQFTESQLQSHFGEKNGSWLYAMCRGIEHDPVKPRQLPK
TIGCSKNFPGKTALATREQVQWWLLQLAQELEERLTKDRNDNDRVATQLVVSIRVQGDKRLSSLRRCCALTRYDAHKMSH
DAFTVIKNMNTSGIQTEWSPPLTMLFLCATKFSAS
;
A
2 'polydeoxyribonucleotide' (DC)(DA)(DT)(DC)(DA)(TTD)(DA)(DC)(DG)(DA)(DG)(DC) T
3 'polydeoxyribonucleotide' (DT)(DC)(DT)(DC)(DG)(DT)(DA)(DA)(DT) P
#
loop_
_chem_comp.id
_chem_comp.type
_chem_comp.name
_chem_comp.formula
DA DNA linking 2'-DEOXYADENOSINE-5'-MONOPHOSPHATE 'C10 H14 N5 O6 P'
DC DNA linking 2'-DEOXYCYTIDINE-5'-MONOPHOSPHATE 'C9 H14 N3 O7 P'
DG DNA linking 2'-DEOXYGUANOSINE-5'-MONOPHOSPHATE 'C10 H14 N5 O7 P'
DT DNA linking THYMIDINE-5'-MONOPHOSPHATE 'C10 H15 N2 O8 P'
GOL non-polymer GLYCEROL 'C3 H8 O3'
MG non-polymer 'MAGNESIUM ION' 'Mg 2'
TTD DNA linking 'CIS-SYN CYCLOBUTANE THYMINE DIMER' 'C20 H28 N4 O15 P2'
XG4 non-polymer 2'-deoxy-5'-O-[(R)-hydroxy{[(R)-hydroxy(phosphonooxy)phosphoryl]amino}phosphoryl]guanosine 'C10 H17 N6 O12 P3'
#
# COMPACT_ATOMS: atom_id res chain seq x y z
N GLY A 1 20.53 28.26 8.87
CA GLY A 1 21.17 27.61 7.73
C GLY A 1 21.85 26.31 8.11
N PRO A 2 22.99 26.41 8.80
CA PRO A 2 23.81 25.28 9.25
C PRO A 2 23.11 24.33 10.22
N HIS A 3 22.29 24.85 11.13
CA HIS A 3 21.64 24.02 12.12
C HIS A 3 20.23 23.62 11.70
N MET A 4 19.85 24.04 10.50
CA MET A 4 18.53 23.68 9.99
C MET A 4 18.54 22.26 9.43
N ALA A 5 17.72 21.39 10.02
CA ALA A 5 17.63 20.01 9.55
C ALA A 5 16.97 19.95 8.18
N THR A 6 17.46 19.12 7.28
CA THR A 6 16.91 19.06 5.94
C THR A 6 16.25 17.72 5.65
N GLY A 7 16.24 16.82 6.62
CA GLY A 7 15.60 15.54 6.40
C GLY A 7 16.18 14.77 5.23
N GLN A 8 17.50 14.76 5.13
CA GLN A 8 18.20 14.04 4.08
C GLN A 8 19.07 12.93 4.68
N ASP A 9 18.72 12.52 5.90
CA ASP A 9 19.51 11.55 6.68
C ASP A 9 19.36 10.12 6.16
N ARG A 10 18.22 9.73 5.58
CA ARG A 10 18.03 8.34 5.16
C ARG A 10 17.73 8.22 3.68
N VAL A 11 17.89 7.01 3.17
CA VAL A 11 17.43 6.66 1.84
C VAL A 11 16.33 5.63 1.94
N VAL A 12 15.13 6.02 1.58
CA VAL A 12 13.98 5.17 1.71
C VAL A 12 13.30 4.94 0.36
N ALA A 13 12.88 3.72 0.12
CA ALA A 13 12.19 3.42 -1.12
C ALA A 13 10.84 2.79 -0.84
N LEU A 14 9.93 2.98 -1.79
CA LEU A 14 8.66 2.31 -1.74
C LEU A 14 8.42 1.55 -3.03
N VAL A 15 8.33 0.23 -2.91
CA VAL A 15 8.07 -0.61 -4.05
C VAL A 15 6.62 -1.08 -4.03
N ASP A 16 5.88 -0.78 -5.10
CA ASP A 16 4.47 -1.16 -5.19
C ASP A 16 4.18 -1.91 -6.49
N MET A 17 3.57 -3.09 -6.40
CA MET A 17 3.29 -3.89 -7.59
C MET A 17 2.30 -3.19 -8.52
N ASP A 18 2.50 -3.33 -9.82
CA ASP A 18 1.57 -2.75 -10.79
C ASP A 18 0.32 -3.62 -10.93
N CYS A 19 -0.86 -3.01 -10.94
CA CYS A 19 -2.13 -3.77 -11.04
C CYS A 19 -1.94 -5.19 -10.52
N PHE A 20 -1.53 -5.25 -9.25
CA PHE A 20 -1.11 -6.49 -8.58
C PHE A 20 -2.05 -7.67 -8.83
N PHE A 21 -3.29 -7.64 -8.37
CA PHE A 21 -4.15 -8.81 -8.50
C PHE A 21 -4.27 -9.26 -9.96
N VAL A 22 -4.31 -8.32 -10.89
CA VAL A 22 -4.38 -8.64 -12.30
C VAL A 22 -3.16 -9.44 -12.74
N GLN A 23 -1.98 -8.97 -12.37
CA GLN A 23 -0.75 -9.66 -12.73
C GLN A 23 -0.73 -11.07 -12.18
N VAL A 24 -1.24 -11.27 -10.96
CA VAL A 24 -1.29 -12.61 -10.38
C VAL A 24 -2.12 -13.53 -11.26
N GLU A 25 -3.28 -13.04 -11.70
CA GLU A 25 -4.16 -13.82 -12.55
C GLU A 25 -3.59 -13.97 -13.96
N GLN A 26 -2.85 -12.96 -14.43
CA GLN A 26 -2.26 -13.02 -15.77
C GLN A 26 -1.11 -14.00 -15.82
N ARG A 27 -0.33 -14.09 -14.75
CA ARG A 27 0.75 -15.05 -14.70
C ARG A 27 0.20 -16.46 -14.78
N GLN A 28 -0.91 -16.68 -14.07
CA GLN A 28 -1.56 -17.99 -14.01
C GLN A 28 -2.25 -18.35 -15.32
N ASN A 29 -2.93 -17.38 -15.91
CA ASN A 29 -3.65 -17.59 -17.18
C ASN A 29 -3.12 -16.67 -18.27
N PRO A 30 -2.16 -17.17 -19.06
CA PRO A 30 -1.52 -16.43 -20.16
C PRO A 30 -2.52 -15.79 -21.12
N HIS A 31 -3.73 -16.31 -21.21
CA HIS A 31 -4.73 -15.73 -22.12
C HIS A 31 -5.12 -14.31 -21.72
N LEU A 32 -4.81 -13.91 -20.48
CA LEU A 32 -5.19 -12.59 -19.99
C LEU A 32 -4.06 -11.58 -20.17
N ARG A 33 -2.86 -12.05 -20.47
CA ARG A 33 -1.71 -11.17 -20.58
C ARG A 33 -1.86 -10.18 -21.74
N ASN A 34 -1.38 -8.96 -21.47
CA ASN A 34 -1.36 -7.89 -22.46
C ASN A 34 -2.75 -7.59 -23.02
N LYS A 35 -3.75 -7.63 -22.18
CA LYS A 35 -5.10 -7.35 -22.60
C LYS A 35 -5.84 -6.52 -21.57
N PRO A 36 -6.95 -5.90 -22.00
CA PRO A 36 -7.73 -5.14 -21.02
C PRO A 36 -8.39 -6.16 -20.10
N CYS A 37 -8.03 -6.16 -18.84
N CYS A 37 -7.93 -6.20 -18.85
CA CYS A 37 -8.62 -7.10 -17.92
CA CYS A 37 -8.37 -7.20 -17.87
C CYS A 37 -8.66 -6.54 -16.51
C CYS A 37 -8.59 -6.58 -16.50
N ALA A 38 -9.50 -7.15 -15.71
CA ALA A 38 -9.73 -6.70 -14.36
C ALA A 38 -10.05 -7.87 -13.44
N VAL A 39 -9.84 -7.67 -12.14
CA VAL A 39 -10.20 -8.67 -11.14
C VAL A 39 -11.48 -8.24 -10.42
N VAL A 40 -12.45 -9.15 -10.32
CA VAL A 40 -13.73 -8.84 -9.71
CA VAL A 40 -13.72 -8.84 -9.70
C VAL A 40 -14.10 -9.88 -8.65
N GLN A 41 -14.88 -9.46 -7.66
CA GLN A 41 -15.36 -10.38 -6.63
C GLN A 41 -16.89 -10.39 -6.59
N TYR A 42 -17.57 -11.54 -6.67
N TYR A 42 -17.37 -11.62 -6.54
CA TYR A 42 -19.06 -11.63 -6.55
CA TYR A 42 -18.76 -11.90 -6.67
C TYR A 42 -19.80 -11.19 -7.82
C TYR A 42 -19.18 -11.63 -8.11
N LYS A 43 -20.04 -12.13 -8.73
N LYS A 43 -20.33 -12.06 -8.55
CA LYS A 43 -20.64 -11.85 -10.05
CA LYS A 43 -20.71 -11.83 -9.94
C LYS A 43 -22.13 -11.50 -9.98
C LYS A 43 -22.20 -11.55 -10.06
N SER A 44 -22.94 -12.13 -9.13
CA SER A 44 -24.38 -11.94 -9.13
C SER A 44 -24.78 -10.46 -9.18
N TRP A 45 -24.31 -9.61 -8.27
CA TRP A 45 -24.78 -8.22 -8.23
C TRP A 45 -24.02 -7.32 -9.21
N LYS A 46 -24.75 -6.90 -10.24
CA LYS A 46 -24.24 -5.97 -11.26
C LYS A 46 -22.94 -6.46 -11.87
N GLY A 47 -22.74 -7.77 -11.95
CA GLY A 47 -21.55 -8.30 -12.58
C GLY A 47 -20.35 -8.41 -11.63
N GLY A 48 -20.44 -7.82 -10.45
CA GLY A 48 -19.34 -7.92 -9.50
C GLY A 48 -18.56 -6.61 -9.39
N GLY A 49 -17.93 -6.41 -8.22
CA GLY A 49 -17.16 -5.21 -7.99
C GLY A 49 -15.72 -5.35 -8.42
N ILE A 50 -15.24 -4.42 -9.22
CA ILE A 50 -13.87 -4.46 -9.71
C ILE A 50 -12.88 -3.99 -8.63
N ILE A 51 -11.83 -4.76 -8.35
CA ILE A 51 -10.86 -4.37 -7.34
C ILE A 51 -9.45 -4.22 -7.91
N ALA A 52 -9.25 -4.62 -9.16
CA ALA A 52 -7.96 -4.40 -9.83
C ALA A 52 -8.16 -4.20 -11.34
N VAL A 53 -7.36 -3.35 -11.96
CA VAL A 53 -7.54 -3.04 -13.38
C VAL A 53 -6.20 -2.97 -14.10
N SER A 54 -6.08 -3.72 -15.19
CA SER A 54 -4.87 -3.69 -16.01
C SER A 54 -4.71 -2.32 -16.67
N TYR A 55 -3.49 -1.92 -17.01
CA TYR A 55 -3.29 -0.61 -17.59
C TYR A 55 -3.98 -0.49 -18.95
N GLU A 56 -4.12 -1.58 -19.68
CA GLU A 56 -4.84 -1.54 -20.96
C GLU A 56 -6.31 -1.22 -20.74
N ALA A 57 -6.86 -1.76 -19.65
CA ALA A 57 -8.25 -1.53 -19.31
C ALA A 57 -8.48 -0.11 -18.81
N ARG A 58 -7.48 0.45 -18.12
CA ARG A 58 -7.60 1.81 -17.61
C ARG A 58 -7.73 2.83 -18.74
N ALA A 59 -7.15 2.50 -19.89
CA ALA A 59 -7.21 3.37 -21.05
C ALA A 59 -8.65 3.60 -21.50
N PHE A 60 -9.52 2.66 -21.15
CA PHE A 60 -10.94 2.74 -21.50
C PHE A 60 -11.75 3.41 -20.40
N GLY A 61 -11.08 3.70 -19.28
CA GLY A 61 -11.77 4.37 -18.18
C GLY A 61 -12.21 3.41 -17.08
N VAL A 62 -11.91 2.11 -17.20
CA VAL A 62 -12.28 1.19 -16.14
C VAL A 62 -11.51 1.50 -14.87
N THR A 63 -12.16 1.46 -13.72
CA THR A 63 -11.48 1.81 -12.49
C THR A 63 -11.89 0.89 -11.36
N ARG A 64 -11.19 1.10 -10.25
CA ARG A 64 -11.47 0.43 -8.99
C ARG A 64 -12.83 0.87 -8.45
N SER A 65 -13.51 0.03 -7.69
CA SER A 65 -14.82 0.38 -7.13
C SER A 65 -15.85 0.61 -8.23
N MET A 66 -15.75 -0.13 -9.31
CA MET A 66 -16.70 -0.01 -10.41
C MET A 66 -17.41 -1.34 -10.64
N TRP A 67 -18.71 -1.33 -10.94
CA TRP A 67 -19.40 -2.59 -11.22
C TRP A 67 -18.94 -3.15 -12.55
N ALA A 68 -18.72 -4.46 -12.63
CA ALA A 68 -18.26 -5.07 -13.87
C ALA A 68 -19.22 -4.76 -15.02
N ASP A 69 -20.52 -4.78 -14.75
CA ASP A 69 -21.49 -4.49 -15.80
C ASP A 69 -21.26 -3.10 -16.39
N ASP A 70 -20.95 -2.14 -15.54
CA ASP A 70 -20.68 -0.78 -16.00
C ASP A 70 -19.36 -0.72 -16.74
N ALA A 71 -18.35 -1.42 -16.23
CA ALA A 71 -17.04 -1.45 -16.86
C ALA A 71 -17.14 -2.04 -18.26
N LYS A 72 -17.98 -3.06 -18.40
CA LYS A 72 -18.19 -3.71 -19.69
C LYS A 72 -18.76 -2.74 -20.72
N LYS A 73 -19.49 -1.74 -20.24
CA LYS A 73 -20.05 -0.72 -21.12
C LYS A 73 -18.94 0.16 -21.71
N LEU A 74 -17.96 0.50 -20.88
CA LEU A 74 -16.81 1.31 -21.33
C LEU A 74 -15.86 0.49 -22.19
N CYS A 75 -15.69 -0.76 -21.79
CA CYS A 75 -14.78 -1.67 -22.45
C CYS A 75 -15.46 -3.02 -22.72
N PRO A 76 -16.08 -3.13 -23.88
CA PRO A 76 -16.81 -4.33 -24.31
C PRO A 76 -15.99 -5.61 -24.26
N ASP A 77 -14.72 -5.56 -24.58
CA ASP A 77 -13.89 -6.76 -24.63
C ASP A 77 -13.11 -6.97 -23.33
N LEU A 78 -13.48 -6.25 -22.28
CA LEU A 78 -12.80 -6.40 -20.99
C LEU A 78 -12.82 -7.86 -20.54
N LEU A 79 -11.64 -8.41 -20.22
CA LEU A 79 -11.57 -9.74 -19.69
C LEU A 79 -11.65 -9.70 -18.16
N LEU A 80 -12.26 -10.70 -17.53
CA LEU A 80 -12.44 -10.65 -16.09
C LEU A 80 -11.96 -11.93 -15.43
N ALA A 81 -11.22 -11.73 -14.34
CA ALA A 81 -10.81 -12.83 -13.49
C ALA A 81 -11.50 -12.72 -12.14
N GLN A 82 -12.07 -13.80 -11.64
CA GLN A 82 -12.84 -13.74 -10.41
C GLN A 82 -12.03 -14.17 -9.20
N VAL A 83 -12.21 -13.42 -8.13
CA VAL A 83 -11.64 -13.79 -6.85
C VAL A 83 -12.23 -15.10 -6.40
N ARG A 84 -11.39 -15.97 -5.88
CA ARG A 84 -11.86 -17.27 -5.41
C ARG A 84 -12.90 -17.10 -4.31
N GLU A 85 -13.87 -17.99 -4.28
CA GLU A 85 -14.87 -18.01 -3.24
C GLU A 85 -14.87 -19.35 -2.51
N SER A 86 -14.81 -19.29 -1.20
CA SER A 86 -14.84 -20.48 -0.37
C SER A 86 -15.67 -20.23 0.89
N ARG A 87 -16.41 -21.25 1.29
CA ARG A 87 -17.28 -21.14 2.47
C ARG A 87 -18.21 -19.94 2.38
N GLY A 88 -18.64 -19.65 1.15
CA GLY A 88 -19.61 -18.58 0.91
C GLY A 88 -19.05 -17.18 0.87
N LYS A 89 -17.72 -17.02 0.79
CA LYS A 89 -17.14 -15.68 0.79
C LYS A 89 -15.88 -15.64 -0.07
N ALA A 90 -15.48 -14.42 -0.42
CA ALA A 90 -14.25 -14.22 -1.15
C ALA A 90 -13.08 -14.73 -0.33
N ASN A 91 -12.16 -15.41 -1.02
CA ASN A 91 -10.96 -15.92 -0.40
C ASN A 91 -9.74 -15.30 -1.10
N LEU A 92 -8.88 -14.59 -0.37
CA LEU A 92 -7.78 -13.86 -0.99
C LEU A 92 -6.46 -14.64 -0.89
N THR A 93 -6.51 -15.94 -0.60
CA THR A 93 -5.28 -16.72 -0.40
C THR A 93 -4.29 -16.57 -1.54
N LYS A 94 -4.71 -16.66 -2.81
CA LYS A 94 -3.78 -16.58 -3.93
C LYS A 94 -2.98 -15.28 -3.90
N TYR A 95 -3.64 -14.19 -3.53
CA TYR A 95 -2.99 -12.88 -3.50
C TYR A 95 -2.05 -12.76 -2.30
N ARG A 96 -2.42 -13.33 -1.16
CA ARG A 96 -1.53 -13.30 0.01
C ARG A 96 -0.25 -14.07 -0.27
N GLU A 97 -0.37 -15.24 -0.92
CA GLU A 97 0.79 -16.06 -1.23
C GLU A 97 1.68 -15.39 -2.27
N ALA A 98 1.07 -14.72 -3.25
CA ALA A 98 1.83 -13.98 -4.24
C ALA A 98 2.58 -12.83 -3.58
N SER A 99 1.91 -12.18 -2.63
CA SER A 99 2.52 -11.10 -1.87
C SER A 99 3.77 -11.58 -1.13
N VAL A 100 3.67 -12.76 -0.53
CA VAL A 100 4.79 -13.36 0.18
C VAL A 100 5.98 -13.56 -0.77
N GLU A 101 5.71 -14.01 -1.98
CA GLU A 101 6.78 -14.19 -2.96
C GLU A 101 7.59 -12.92 -3.12
N VAL A 102 6.87 -11.81 -3.24
CA VAL A 102 7.48 -10.52 -3.45
C VAL A 102 8.18 -10.01 -2.19
N MET A 103 7.52 -10.10 -1.03
CA MET A 103 8.10 -9.60 0.21
C MET A 103 9.40 -10.32 0.55
N GLU A 104 9.46 -11.63 0.31
CA GLU A 104 10.66 -12.39 0.63
C GLU A 104 11.84 -11.94 -0.23
N ILE A 105 11.59 -11.64 -1.50
CA ILE A 105 12.65 -11.17 -2.39
C ILE A 105 13.20 -9.83 -1.91
N MET A 106 12.31 -8.90 -1.57
CA MET A 106 12.73 -7.58 -1.11
C MET A 106 13.51 -7.67 0.20
N SER A 107 13.10 -8.56 1.09
CA SER A 107 13.74 -8.68 2.40
C SER A 107 15.19 -9.15 2.27
N ARG A 108 15.59 -9.65 1.11
CA ARG A 108 16.97 -10.06 0.91
C ARG A 108 17.90 -8.85 0.94
N PHE A 109 17.38 -7.74 0.41
CA PHE A 109 18.15 -6.51 0.23
C PHE A 109 18.19 -5.66 1.49
N ALA A 110 17.13 -5.60 2.29
CA ALA A 110 17.15 -4.74 3.45
C ALA A 110 15.94 -4.99 4.35
N VAL A 111 15.93 -4.26 5.45
CA VAL A 111 14.79 -4.31 6.34
C VAL A 111 13.57 -3.74 5.65
N ILE A 112 12.43 -4.40 5.71
CA ILE A 112 11.25 -3.86 5.07
C ILE A 112 10.06 -3.84 6.00
N GLU A 113 9.21 -2.86 5.73
CA GLU A 113 7.94 -2.71 6.41
C GLU A 113 6.82 -2.97 5.42
N ARG A 114 6.08 -4.05 5.61
CA ARG A 114 4.96 -4.35 4.73
C ARG A 114 3.87 -3.31 4.91
N ALA A 115 3.63 -2.49 3.88
CA ALA A 115 2.66 -1.42 4.00
C ALA A 115 1.29 -1.83 3.49
N SER A 116 1.26 -2.87 2.68
CA SER A 116 0.00 -3.38 2.15
C SER A 116 0.22 -4.74 1.52
N ILE A 117 -0.83 -5.35 1.00
CA ILE A 117 -0.66 -6.64 0.36
C ILE A 117 0.25 -6.54 -0.86
N ASP A 118 0.48 -5.35 -1.45
CA ASP A 118 1.29 -5.27 -2.67
C ASP A 118 2.42 -4.25 -2.57
N GLU A 119 2.81 -3.75 -1.40
CA GLU A 119 3.90 -2.78 -1.36
C GLU A 119 4.62 -2.81 -0.03
N ALA A 120 5.87 -2.36 -0.04
CA ALA A 120 6.65 -2.31 1.17
C ALA A 120 7.68 -1.18 1.12
N TYR A 121 7.96 -0.63 2.28
CA TYR A 121 9.00 0.38 2.38
C TYR A 121 10.33 -0.28 2.68
N VAL A 122 11.38 0.30 2.11
CA VAL A 122 12.71 -0.22 2.27
C VAL A 122 13.65 0.86 2.84
N ASP A 123 14.36 0.56 3.92
CA ASP A 123 15.37 1.49 4.38
C ASP A 123 16.73 1.12 3.82
N LEU A 124 17.18 1.84 2.79
CA LEU A 124 18.41 1.49 2.09
C LEU A 124 19.61 2.30 2.55
N THR A 125 19.47 3.02 3.65
CA THR A 125 20.54 3.85 4.15
C THR A 125 21.84 3.06 4.32
N SER A 126 21.81 1.92 5.00
CA SER A 126 23.02 1.14 5.23
C SER A 126 23.56 0.53 3.93
N ALA A 127 22.64 -0.01 3.11
CA ALA A 127 23.01 -0.63 1.84
C ALA A 127 23.74 0.34 0.92
N VAL A 128 23.27 1.60 0.84
CA VAL A 128 23.93 2.58 -0.02
CA VAL A 128 23.92 2.58 -0.02
C VAL A 128 25.30 2.93 0.48
N GLN A 129 25.47 3.04 1.80
CA GLN A 129 26.78 3.36 2.37
C GLN A 129 27.80 2.27 2.03
N GLU A 130 27.34 1.03 2.11
CA GLU A 130 28.19 -0.11 1.77
C GLU A 130 28.51 -0.12 0.28
N ARG A 131 27.49 0.16 -0.53
CA ARG A 131 27.66 0.21 -1.97
C ARG A 131 28.56 1.37 -2.36
N LEU A 132 28.44 2.49 -1.64
CA LEU A 132 29.26 3.67 -1.91
C LEU A 132 30.73 3.36 -1.63
N GLN A 133 30.98 2.65 -0.55
CA GLN A 133 32.34 2.25 -0.20
C GLN A 133 32.95 1.40 -1.32
N LYS A 134 32.16 0.44 -1.80
CA LYS A 134 32.55 -0.25 -3.00
C LYS A 134 32.43 0.70 -4.17
N LEU A 135 33.20 0.56 -5.23
CA LEU A 135 33.09 1.49 -6.35
C LEU A 135 33.06 2.94 -5.85
N GLN A 136 34.06 3.31 -5.06
CA GLN A 136 34.18 4.67 -4.55
C GLN A 136 34.66 5.62 -5.63
N GLY A 137 34.07 6.83 -5.67
CA GLY A 137 34.51 7.89 -6.57
C GLY A 137 34.45 7.56 -8.04
N GLN A 138 33.89 6.42 -8.41
CA GLN A 138 33.75 6.08 -9.81
C GLN A 138 32.36 6.47 -10.31
N PRO A 139 32.30 7.13 -11.47
CA PRO A 139 31.07 7.62 -12.06
C PRO A 139 29.98 6.57 -12.20
N ILE A 140 28.78 6.99 -11.87
CA ILE A 140 27.60 6.15 -11.98
C ILE A 140 27.00 6.25 -13.38
N SER A 141 27.08 5.16 -14.14
CA SER A 141 26.60 5.15 -15.51
C SER A 141 25.07 5.17 -15.56
N ALA A 142 24.56 5.79 -16.62
CA ALA A 142 23.13 5.84 -16.86
C ALA A 142 22.59 4.43 -17.09
N ASP A 143 23.47 3.57 -17.58
CA ASP A 143 23.12 2.18 -17.85
C ASP A 143 22.68 1.47 -16.57
N LEU A 144 23.14 1.96 -15.43
CA LEU A 144 22.75 1.39 -14.15
C LEU A 144 21.34 1.81 -13.75
N LEU A 145 20.77 2.78 -14.46
CA LEU A 145 19.41 3.27 -14.15
C LEU A 145 18.55 3.30 -15.41
N PRO A 146 18.32 2.12 -16.00
CA PRO A 146 17.54 1.96 -17.23
C PRO A 146 16.07 2.35 -17.09
N SER A 147 15.49 2.31 -15.90
CA SER A 147 14.08 2.58 -15.74
C SER A 147 13.83 3.71 -14.74
N THR A 148 14.81 4.58 -14.49
CA THR A 148 14.67 5.62 -13.47
C THR A 148 14.35 6.99 -14.07
N TYR A 149 13.37 7.63 -13.42
CA TYR A 149 12.99 9.01 -13.71
C TYR A 149 13.43 9.92 -12.58
N ILE A 150 14.04 11.04 -12.92
CA ILE A 150 14.41 12.03 -11.91
C ILE A 150 13.34 13.12 -11.87
N GLU A 151 12.56 13.20 -10.82
CA GLU A 151 11.50 14.17 -10.77
C GLU A 151 12.02 15.60 -10.96
N GLY A 152 11.31 16.34 -11.82
CA GLY A 152 11.62 17.74 -12.05
C GLY A 152 12.60 17.98 -13.19
N LEU A 153 13.16 16.92 -13.74
CA LEU A 153 14.11 17.03 -14.85
C LEU A 153 13.57 16.29 -16.08
N PRO A 154 13.99 16.68 -17.29
CA PRO A 154 14.93 17.76 -17.55
C PRO A 154 14.28 19.13 -17.39
N GLN A 155 15.12 20.12 -17.15
CA GLN A 155 14.68 21.51 -17.03
C GLN A 155 15.67 22.44 -17.69
N GLY A 156 15.22 23.66 -18.03
CA GLY A 156 16.11 24.67 -18.55
C GLY A 156 16.41 24.58 -20.04
N PRO A 157 17.39 25.40 -20.45
CA PRO A 157 17.85 25.49 -21.84
C PRO A 157 18.78 24.33 -22.17
N VAL A 164 10.45 14.92 -27.64
CA VAL A 164 9.04 14.77 -27.96
C VAL A 164 8.56 13.35 -27.63
N GLN A 165 9.46 12.50 -27.16
CA GLN A 165 9.11 11.13 -26.75
C GLN A 165 9.35 10.94 -25.26
N LYS A 166 8.51 10.15 -24.58
CA LYS A 166 8.66 10.04 -23.14
C LYS A 166 9.99 9.42 -22.75
N GLU A 167 10.42 8.37 -23.44
CA GLU A 167 11.70 7.74 -23.12
C GLU A 167 12.84 8.71 -23.36
N GLY A 168 12.73 9.51 -24.42
CA GLY A 168 13.76 10.49 -24.68
C GLY A 168 13.81 11.51 -23.56
N MET A 169 12.63 11.88 -23.09
CA MET A 169 12.49 12.81 -21.99
C MET A 169 13.15 12.25 -20.72
N ARG A 170 12.92 10.97 -20.47
CA ARG A 170 13.48 10.32 -19.29
C ARG A 170 15.01 10.34 -19.33
N LYS A 171 15.59 9.99 -20.47
CA LYS A 171 17.04 9.98 -20.60
C LYS A 171 17.63 11.36 -20.39
N GLN A 172 17.02 12.36 -21.03
CA GLN A 172 17.47 13.74 -20.89
C GLN A 172 17.60 14.11 -19.43
N GLY A 173 16.50 13.91 -18.71
CA GLY A 173 16.48 14.23 -17.29
C GLY A 173 17.55 13.48 -16.53
N LEU A 174 17.66 12.19 -16.79
CA LEU A 174 18.65 11.36 -16.13
C LEU A 174 20.07 11.86 -16.43
N PHE A 175 20.33 12.23 -17.68
CA PHE A 175 21.65 12.73 -18.05
C PHE A 175 21.99 14.02 -17.31
N GLN A 176 21.03 14.94 -17.19
CA GLN A 176 21.28 16.18 -16.47
C GLN A 176 21.64 15.91 -15.01
N TRP A 177 20.92 14.96 -14.42
CA TRP A 177 21.11 14.61 -13.02
C TRP A 177 22.51 14.05 -12.78
N LEU A 178 22.88 13.04 -13.55
CA LEU A 178 24.19 12.39 -13.41
C LEU A 178 25.33 13.33 -13.75
N ASP A 179 25.15 14.18 -14.76
CA ASP A 179 26.19 15.15 -15.11
C ASP A 179 26.49 16.06 -13.93
N SER A 180 25.43 16.41 -13.20
CA SER A 180 25.55 17.35 -12.08
C SER A 180 26.14 16.68 -10.83
N LEU A 181 25.97 15.38 -10.65
N LEU A 181 25.87 15.38 -10.70
CA LEU A 181 26.40 14.68 -9.42
CA LEU A 181 26.42 14.55 -9.61
C LEU A 181 27.88 14.85 -9.08
C LEU A 181 27.95 14.53 -9.69
N GLN A 182 28.13 15.00 -7.79
N GLN A 182 28.38 14.06 -10.87
CA GLN A 182 29.48 15.02 -7.23
CA GLN A 182 29.79 13.78 -11.14
C GLN A 182 29.81 13.64 -6.64
C GLN A 182 30.65 15.03 -11.12
N ILE A 183 30.34 12.78 -7.49
N ILE A 183 30.11 16.22 -11.38
CA ILE A 183 30.60 11.40 -7.13
CA ILE A 183 30.89 17.43 -11.26
C ILE A 183 31.66 11.25 -6.05
C ILE A 183 30.93 17.88 -9.80
N ASP A 184 32.40 12.31 -5.72
N ASP A 184 30.25 17.11 -8.96
CA ASP A 184 33.49 12.20 -4.76
CA ASP A 184 30.13 17.47 -7.56
C ASP A 184 33.04 12.38 -3.31
C ASP A 184 29.22 18.68 -7.41
N ASN A 185 32.02 13.18 -3.04
N ASN A 185 28.17 18.73 -8.23
CA ASN A 185 31.56 13.34 -1.66
CA ASN A 185 27.27 19.86 -8.22
C ASN A 185 30.57 12.24 -1.28
C ASN A 185 25.95 19.55 -7.53
N LEU A 186 31.03 11.30 -0.47
N LEU A 186 25.89 18.41 -6.87
CA LEU A 186 30.21 10.16 -0.07
CA LEU A 186 24.75 18.12 -6.03
C LEU A 186 29.05 10.58 0.82
C LEU A 186 25.22 17.95 -4.59
N THR A 187 29.07 11.79 1.36
N THR A 187 24.66 17.01 -3.87
CA THR A 187 27.99 12.22 2.22
CA THR A 187 25.05 16.80 -2.49
C THR A 187 26.93 13.01 1.47
C THR A 187 25.37 15.34 -2.25
N SER A 188 27.14 13.23 0.16
N SER A 188 26.01 15.02 -1.14
CA SER A 188 26.13 13.92 -0.62
CA SER A 188 26.16 13.62 -0.81
C SER A 188 24.84 13.13 -0.65
C SER A 188 24.78 12.99 -0.70
N PRO A 189 23.77 13.76 -0.19
CA PRO A 189 22.41 13.24 -0.09
C PRO A 189 21.89 12.84 -1.48
N ASP A 190 22.14 13.68 -2.49
CA ASP A 190 21.72 13.38 -3.86
C ASP A 190 22.44 12.14 -4.38
N LEU A 191 23.73 12.06 -4.11
CA LEU A 191 24.50 10.91 -4.51
C LEU A 191 23.95 9.65 -3.85
N GLN A 192 23.63 9.76 -2.57
CA GLN A 192 23.09 8.64 -1.82
C GLN A 192 21.77 8.17 -2.41
N LEU A 193 20.88 9.10 -2.77
CA LEU A 193 19.62 8.72 -3.41
C LEU A 193 19.88 7.99 -4.72
N THR A 194 20.85 8.48 -5.50
CA THR A 194 21.18 7.89 -6.79
C THR A 194 21.60 6.43 -6.63
N VAL A 195 22.50 6.20 -5.67
CA VAL A 195 22.92 4.82 -5.37
C VAL A 195 21.76 3.99 -4.91
N GLY A 196 20.88 4.59 -4.10
CA GLY A 196 19.69 3.89 -3.67
C GLY A 196 18.85 3.47 -4.87
N ALA A 197 18.77 4.36 -5.84
CA ALA A 197 18.05 4.10 -7.07
C ALA A 197 18.63 2.90 -7.81
N VAL A 198 19.96 2.85 -7.85
CA VAL A 198 20.65 1.72 -8.48
C VAL A 198 20.27 0.42 -7.83
N ILE A 199 20.28 0.39 -6.51
CA ILE A 199 19.90 -0.82 -5.77
C ILE A 199 18.46 -1.21 -6.07
N VAL A 200 17.56 -0.21 -6.09
CA VAL A 200 16.15 -0.49 -6.36
C VAL A 200 15.96 -1.03 -7.77
N GLU A 201 16.76 -0.59 -8.75
CA GLU A 201 16.70 -1.18 -10.07
C GLU A 201 16.94 -2.69 -9.98
N GLU A 202 17.97 -3.01 -9.18
CA GLU A 202 18.37 -4.38 -8.92
C GLU A 202 17.23 -5.16 -8.25
N MET A 203 16.64 -4.54 -7.23
CA MET A 203 15.52 -5.14 -6.52
C MET A 203 14.38 -5.46 -7.46
N ARG A 204 13.99 -4.48 -8.25
CA ARG A 204 12.88 -4.62 -9.16
C ARG A 204 13.18 -5.65 -10.25
N ALA A 205 14.44 -5.75 -10.69
CA ALA A 205 14.80 -6.77 -11.65
C ALA A 205 14.65 -8.16 -11.05
N ALA A 206 15.08 -8.28 -9.79
CA ALA A 206 14.99 -9.55 -9.07
C ALA A 206 13.53 -10.00 -8.93
N ILE A 207 12.67 -9.06 -8.53
CA ILE A 207 11.26 -9.38 -8.36
C ILE A 207 10.65 -9.86 -9.68
N GLU A 208 10.92 -9.16 -10.78
CA GLU A 208 10.35 -9.56 -12.06
C GLU A 208 10.94 -10.88 -12.56
N ARG A 209 12.26 -11.07 -12.43
CA ARG A 209 12.87 -12.31 -12.89
C ARG A 209 12.37 -13.51 -12.12
N GLU A 210 12.20 -13.34 -10.82
CA GLU A 210 11.85 -14.44 -9.94
C GLU A 210 10.35 -14.63 -9.79
N THR A 211 9.47 -13.68 -10.11
CA THR A 211 8.04 -13.91 -9.94
C THR A 211 7.28 -13.68 -11.24
N GLY A 212 7.84 -12.91 -12.15
CA GLY A 212 7.14 -12.59 -13.37
C GLY A 212 6.31 -11.31 -13.21
N PHE A 213 6.26 -10.78 -11.98
CA PHE A 213 5.48 -9.57 -11.69
C PHE A 213 6.33 -8.32 -11.88
N GLN A 214 5.74 -7.31 -12.50
CA GLN A 214 6.41 -6.02 -12.65
C GLN A 214 5.97 -5.06 -11.55
N CYS A 215 6.81 -4.12 -11.21
CA CYS A 215 6.47 -3.16 -10.17
C CYS A 215 7.13 -1.82 -10.43
N SER A 216 6.64 -0.81 -9.72
CA SER A 216 7.21 0.52 -9.78
C SER A 216 7.80 0.89 -8.42
N ALA A 217 8.62 1.91 -8.35
CA ALA A 217 9.19 2.28 -7.06
C ALA A 217 9.51 3.77 -7.01
N GLY A 218 9.55 4.24 -5.77
CA GLY A 218 9.93 5.60 -5.49
C GLY A 218 11.12 5.61 -4.57
N ILE A 219 12.09 6.47 -4.84
CA ILE A 219 13.26 6.59 -3.98
C ILE A 219 13.39 8.01 -3.47
N SER A 220 13.46 8.18 -2.16
CA SER A 220 13.59 9.51 -1.57
C SER A 220 14.19 9.42 -0.17
N HIS A 221 14.04 10.45 0.65
CA HIS A 221 14.62 10.43 1.97
C HIS A 221 13.61 10.01 3.03
N ASN A 222 12.34 9.80 2.67
CA ASN A 222 11.34 9.39 3.65
C ASN A 222 10.16 8.67 2.99
N LYS A 223 9.30 8.06 3.80
CA LYS A 223 8.22 7.23 3.28
C LYS A 223 7.18 8.01 2.47
N VAL A 224 6.72 9.16 2.95
CA VAL A 224 5.71 9.91 2.20
C VAL A 224 6.21 10.29 0.81
N LEU A 225 7.43 10.82 0.72
CA LEU A 225 7.98 11.21 -0.57
C LEU A 225 8.25 10.01 -1.46
N ALA A 226 8.73 8.90 -0.90
CA ALA A 226 8.95 7.70 -1.68
C ALA A 226 7.64 7.18 -2.27
N LYS A 227 6.60 7.10 -1.45
CA LYS A 227 5.30 6.63 -1.89
C LYS A 227 4.74 7.52 -2.99
N LEU A 228 4.87 8.83 -2.79
CA LEU A 228 4.40 9.79 -3.78
C LEU A 228 5.16 9.62 -5.09
N ALA A 229 6.48 9.48 -4.97
CA ALA A 229 7.34 9.33 -6.13
C ALA A 229 6.99 8.07 -6.93
N CYS A 230 6.62 7.01 -6.24
CA CYS A 230 6.28 5.74 -6.89
C CYS A 230 5.14 5.91 -7.90
N GLY A 231 4.12 6.67 -7.54
CA GLY A 231 2.97 6.80 -8.42
C GLY A 231 3.21 7.71 -9.63
N LEU A 232 4.28 8.50 -9.61
CA LEU A 232 4.54 9.46 -10.67
C LEU A 232 4.79 8.80 -12.02
N ASN A 233 5.44 7.63 -12.11
CA ASN A 233 5.77 7.07 -13.40
C ASN A 233 5.37 5.61 -13.57
N LYS A 234 4.36 5.15 -12.82
CA LYS A 234 3.83 3.79 -13.07
C LYS A 234 3.23 3.71 -14.48
N PRO A 235 3.29 2.55 -15.13
CA PRO A 235 3.80 1.29 -14.61
C PRO A 235 5.25 1.00 -15.07
N ASN A 236 5.80 0.02 -14.39
CA ASN A 236 7.12 -0.53 -14.69
C ASN A 236 8.21 0.55 -14.76
N ARG A 237 8.11 1.55 -13.90
CA ARG A 237 9.13 2.60 -13.82
C ARG A 237 9.37 3.02 -12.37
N GLN A 238 10.53 3.57 -12.09
CA GLN A 238 10.83 4.04 -10.74
C GLN A 238 11.22 5.51 -10.77
N THR A 239 10.91 6.24 -9.72
CA THR A 239 11.15 7.68 -9.72
C THR A 239 11.93 8.13 -8.50
N LEU A 240 12.94 8.95 -8.79
CA LEU A 240 13.78 9.54 -7.77
C LEU A 240 13.33 10.96 -7.45
N VAL A 241 12.91 11.18 -6.22
CA VAL A 241 12.51 12.52 -5.78
C VAL A 241 13.47 13.04 -4.74
N SER A 242 14.31 13.97 -5.20
CA SER A 242 15.34 14.58 -4.39
C SER A 242 14.77 15.64 -3.45
N HIS A 243 15.53 15.99 -2.42
CA HIS A 243 15.12 17.05 -1.53
C HIS A 243 14.88 18.34 -2.31
N GLY A 244 15.74 18.59 -3.29
CA GLY A 244 15.68 19.80 -4.09
C GLY A 244 14.43 19.94 -4.94
N SER A 245 13.85 18.82 -5.39
CA SER A 245 12.68 18.85 -6.27
C SER A 245 11.40 19.12 -5.50
N VAL A 246 11.44 19.16 -4.18
CA VAL A 246 10.21 19.28 -3.38
C VAL A 246 9.49 20.60 -3.59
N PRO A 247 10.19 21.75 -3.51
CA PRO A 247 9.47 23.03 -3.71
C PRO A 247 8.65 23.08 -4.98
N GLN A 248 9.20 22.75 -6.14
CA GLN A 248 8.40 22.79 -7.36
C GLN A 248 7.36 21.67 -7.38
N LEU A 249 7.72 20.46 -6.93
CA LEU A 249 6.77 19.35 -6.92
C LEU A 249 5.54 19.67 -6.07
N PHE A 250 5.78 20.25 -4.89
CA PHE A 250 4.70 20.52 -3.95
C PHE A 250 3.92 21.79 -4.30
N SER A 251 4.47 22.65 -5.15
CA SER A 251 3.82 23.91 -5.49
C SER A 251 2.45 23.70 -6.12
N GLN A 252 2.24 22.60 -6.87
CA GLN A 252 0.94 22.34 -7.50
C GLN A 252 0.38 20.98 -7.09
N MET A 253 0.89 20.43 -6.00
CA MET A 253 0.45 19.12 -5.55
C MET A 253 -0.74 19.22 -4.61
N PRO A 254 -1.91 18.72 -5.05
CA PRO A 254 -3.07 18.78 -4.18
C PRO A 254 -2.78 18.10 -2.85
N ILE A 255 -3.25 18.73 -1.78
CA ILE A 255 -3.01 18.23 -0.44
C ILE A 255 -3.50 16.79 -0.27
N ARG A 256 -4.59 16.40 -0.93
CA ARG A 256 -5.16 15.06 -0.75
C ARG A 256 -4.25 13.97 -1.33
N LYS A 257 -3.25 14.34 -2.11
CA LYS A 257 -2.37 13.36 -2.73
C LYS A 257 -1.38 12.77 -1.72
N ILE A 258 -1.08 13.51 -0.64
CA ILE A 258 -0.12 13.05 0.38
C ILE A 258 -0.72 11.95 1.24
N ARG A 259 0.08 10.95 1.53
CA ARG A 259 -0.43 9.84 2.35
C ARG A 259 -0.89 10.33 3.70
N SER A 260 -2.12 9.90 4.04
CA SER A 260 -2.80 10.24 5.29
C SER A 260 -3.58 11.54 5.18
N LEU A 261 -3.53 12.21 4.02
CA LEU A 261 -4.27 13.46 3.86
C LEU A 261 -5.43 13.33 2.86
N GLY A 262 -5.77 12.09 2.50
CA GLY A 262 -6.86 11.90 1.54
C GLY A 262 -8.25 11.91 2.16
N GLY A 263 -8.36 12.03 3.48
CA GLY A 263 -9.68 12.00 4.10
C GLY A 263 -10.08 13.31 4.76
N LYS A 264 -10.72 13.18 5.92
CA LYS A 264 -11.26 14.31 6.68
C LYS A 264 -10.17 15.29 7.09
N LEU A 265 -9.03 14.80 7.57
CA LEU A 265 -7.96 15.68 7.99
C LEU A 265 -7.48 16.55 6.82
N GLY A 266 -7.22 15.92 5.68
CA GLY A 266 -6.81 16.68 4.52
C GLY A 266 -7.82 17.74 4.16
N ALA A 267 -9.08 17.34 4.22
CA ALA A 267 -10.19 18.24 3.90
C ALA A 267 -10.22 19.42 4.86
N SER A 268 -9.92 19.17 6.13
CA SER A 268 -9.92 20.23 7.14
C SER A 268 -8.78 21.22 6.91
N VAL A 269 -7.63 20.71 6.48
CA VAL A 269 -6.49 21.58 6.19
C VAL A 269 -6.85 22.59 5.12
N ILE A 270 -7.41 22.06 4.06
CA ILE A 270 -7.82 22.86 2.92
C ILE A 270 -8.83 23.93 3.33
N GLU A 271 -9.86 23.52 4.07
CA GLU A 271 -10.94 24.44 4.43
C GLU A 271 -10.53 25.40 5.54
N ILE A 272 -9.86 24.97 6.61
CA ILE A 272 -9.48 25.90 7.67
C ILE A 272 -8.44 26.91 7.18
N LEU A 273 -7.46 26.43 6.43
CA LEU A 273 -6.36 27.28 6.00
C LEU A 273 -6.67 28.02 4.70
N GLY A 274 -7.66 27.58 3.93
CA GLY A 274 -7.98 28.26 2.70
C GLY A 274 -6.91 28.05 1.63
N ILE A 275 -6.40 26.82 1.52
CA ILE A 275 -5.35 26.52 0.55
C ILE A 275 -5.67 25.26 -0.25
N GLU A 276 -4.95 25.02 -1.35
CA GLU A 276 -5.19 23.86 -2.19
C GLU A 276 -3.97 22.96 -2.30
N TYR A 277 -2.75 23.53 -2.24
CA TYR A 277 -1.54 22.74 -2.53
C TYR A 277 -0.63 22.58 -1.31
N MET A 278 0.09 21.46 -1.32
CA MET A 278 0.98 21.10 -0.23
C MET A 278 1.99 22.20 0.07
N GLY A 279 2.53 22.81 -0.97
CA GLY A 279 3.54 23.85 -0.78
C GLY A 279 3.02 25.07 -0.03
N GLU A 280 1.72 25.35 -0.14
CA GLU A 280 1.14 26.52 0.53
C GLU A 280 1.24 26.40 2.05
N LEU A 281 1.57 25.21 2.55
CA LEU A 281 1.67 24.98 4.00
C LEU A 281 2.88 25.67 4.61
N THR A 282 3.92 25.92 3.80
CA THR A 282 5.17 26.52 4.32
C THR A 282 4.94 27.90 4.93
N GLN A 283 3.87 28.58 4.57
CA GLN A 283 3.68 29.94 5.04
C GLN A 283 3.15 29.99 6.47
N PHE A 284 2.86 28.86 7.09
CA PHE A 284 2.33 28.88 8.45
C PHE A 284 3.37 28.44 9.47
N THR A 285 3.35 29.04 10.65
CA THR A 285 4.27 28.64 11.71
C THR A 285 3.87 27.28 12.25
N GLU A 286 4.82 26.58 12.85
CA GLU A 286 4.51 25.29 13.44
C GLU A 286 3.38 25.41 14.47
N SER A 287 3.50 26.42 15.33
CA SER A 287 2.49 26.65 16.34
C SER A 287 1.12 26.90 15.70
N GLN A 288 1.10 27.61 14.57
CA GLN A 288 -0.16 27.85 13.87
C GLN A 288 -0.78 26.53 13.44
N LEU A 289 0.01 25.68 12.79
CA LEU A 289 -0.49 24.40 12.35
C LEU A 289 -0.92 23.53 13.52
N GLN A 290 -0.15 23.56 14.60
CA GLN A 290 -0.48 22.79 15.79
C GLN A 290 -1.80 23.24 16.38
N SER A 291 -2.06 24.55 16.39
CA SER A 291 -3.28 25.08 16.98
C SER A 291 -4.52 24.57 16.25
N HIS A 292 -4.42 24.26 14.97
CA HIS A 292 -5.59 23.81 14.22
C HIS A 292 -5.70 22.29 14.16
N PHE A 293 -4.57 21.58 14.07
CA PHE A 293 -4.62 20.16 13.83
C PHE A 293 -4.02 19.34 14.96
N GLY A 294 -3.76 19.96 16.11
CA GLY A 294 -3.18 19.19 17.20
C GLY A 294 -1.67 19.25 17.19
N GLU A 295 -1.06 18.92 18.32
CA GLU A 295 0.38 18.97 18.46
C GLU A 295 1.08 18.04 17.47
N LYS A 296 0.62 16.80 17.40
CA LYS A 296 1.25 15.80 16.53
C LYS A 296 1.03 16.12 15.05
N ASN A 297 -0.21 16.39 14.65
CA ASN A 297 -0.52 16.67 13.25
C ASN A 297 0.16 17.95 12.77
N GLY A 298 0.17 18.98 13.62
CA GLY A 298 0.78 20.24 13.23
C GLY A 298 2.27 20.11 12.98
N SER A 299 2.96 19.43 13.87
CA SER A 299 4.40 19.22 13.73
C SER A 299 4.72 18.44 12.46
N TRP A 300 3.89 17.46 12.19
CA TRP A 300 4.07 16.61 11.02
C TRP A 300 3.87 17.40 9.73
N LEU A 301 2.83 18.23 9.65
CA LEU A 301 2.55 19.04 8.48
C LEU A 301 3.67 20.07 8.25
N TYR A 302 4.09 20.72 9.32
CA TYR A 302 5.14 21.73 9.24
C TYR A 302 6.39 21.17 8.58
N ALA A 303 6.76 19.96 8.98
CA ALA A 303 7.94 19.31 8.43
C ALA A 303 7.66 18.71 7.06
N MET A 304 6.48 18.12 6.87
CA MET A 304 6.15 17.44 5.61
C MET A 304 6.08 18.40 4.43
N CYS A 305 5.47 19.57 4.60
CA CYS A 305 5.36 20.52 3.48
C CYS A 305 6.75 21.00 3.03
N ARG A 306 7.75 20.70 3.85
CA ARG A 306 9.12 21.04 3.53
C ARG A 306 9.91 19.82 3.07
N GLY A 307 9.17 18.71 2.88
CA GLY A 307 9.76 17.48 2.41
C GLY A 307 10.46 16.68 3.50
N ILE A 308 10.14 16.99 4.74
CA ILE A 308 10.79 16.34 5.88
C ILE A 308 9.80 15.50 6.68
N GLU A 309 10.19 14.26 6.93
CA GLU A 309 9.39 13.34 7.74
C GLU A 309 10.29 12.35 8.47
N HIS A 310 9.98 11.97 9.70
CA HIS A 310 10.88 11.11 10.45
C HIS A 310 10.27 9.75 10.74
N ASP A 311 9.11 9.42 10.17
CA ASP A 311 8.53 8.09 10.39
C ASP A 311 9.50 7.00 9.92
N PRO A 312 9.97 6.16 10.85
CA PRO A 312 10.90 5.11 10.48
C PRO A 312 10.26 3.97 9.70
N VAL A 313 11.08 3.33 8.89
CA VAL A 313 10.65 2.11 8.24
C VAL A 313 10.66 0.97 9.24
N LYS A 314 9.49 0.59 9.71
CA LYS A 314 9.39 -0.44 10.73
C LYS A 314 9.81 -1.81 10.19
N PRO A 315 10.58 -2.54 10.98
CA PRO A 315 11.03 -3.86 10.57
C PRO A 315 9.91 -4.87 10.81
N ARG A 316 8.94 -4.89 9.90
CA ARG A 316 7.82 -5.81 10.01
C ARG A 316 7.42 -6.33 8.64
N GLN A 317 7.65 -7.61 8.42
CA GLN A 317 7.35 -8.23 7.15
C GLN A 317 5.98 -8.90 7.15
N LEU A 318 5.46 -9.17 8.34
CA LEU A 318 4.20 -9.90 8.46
C LEU A 318 3.08 -9.02 9.00
N PRO A 319 1.85 -9.32 8.57
CA PRO A 319 0.67 -8.58 9.04
C PRO A 319 0.50 -8.80 10.54
N LYS A 320 0.03 -7.76 11.24
CA LYS A 320 -0.14 -7.80 12.69
C LYS A 320 -1.40 -8.54 13.09
N THR A 321 -2.33 -8.66 12.16
CA THR A 321 -3.59 -9.31 12.43
C THR A 321 -3.99 -10.24 11.29
N ILE A 322 -4.82 -11.22 11.61
CA ILE A 322 -5.36 -12.13 10.62
C ILE A 322 -6.89 -12.17 10.71
N GLY A 323 -7.58 -11.61 9.73
CA GLY A 323 -9.01 -11.53 9.86
C GLY A 323 -9.79 -12.02 8.66
N CYS A 324 -11.07 -12.25 8.98
CA CYS A 324 -12.07 -12.68 8.00
C CYS A 324 -13.35 -11.89 8.19
N SER A 325 -13.87 -11.25 7.17
CA SER A 325 -15.09 -10.50 7.33
C SER A 325 -15.99 -10.64 6.11
N LYS A 326 -17.28 -10.53 6.39
CA LYS A 326 -18.28 -10.67 5.37
C LYS A 326 -19.42 -9.67 5.57
N ASN A 327 -19.79 -8.98 4.51
CA ASN A 327 -20.92 -8.08 4.56
C ASN A 327 -22.18 -8.79 4.08
N PHE A 328 -23.30 -8.41 4.66
CA PHE A 328 -24.61 -8.93 4.27
C PHE A 328 -25.55 -7.75 4.05
N PRO A 329 -25.49 -7.17 2.85
CA PRO A 329 -26.27 -5.99 2.47
C PRO A 329 -27.76 -6.16 2.30
N GLY A 330 -28.41 -5.02 2.52
CA GLY A 330 -29.84 -4.83 2.35
C GLY A 330 -30.72 -5.96 2.85
N LYS A 331 -31.48 -6.51 1.92
CA LYS A 331 -32.46 -7.55 2.23
C LYS A 331 -31.79 -8.87 2.60
N THR A 332 -30.46 -8.95 2.51
CA THR A 332 -29.75 -10.18 2.81
C THR A 332 -29.23 -10.23 4.23
N ALA A 333 -29.47 -9.19 5.02
CA ALA A 333 -29.00 -9.16 6.40
C ALA A 333 -29.43 -10.41 7.17
N LEU A 334 -28.51 -10.92 8.00
CA LEU A 334 -28.78 -12.10 8.81
C LEU A 334 -29.85 -11.82 9.85
N ALA A 335 -30.85 -12.70 9.96
CA ALA A 335 -31.96 -12.44 10.87
C ALA A 335 -32.26 -13.61 11.78
N THR A 336 -31.59 -14.75 11.63
CA THR A 336 -31.88 -15.88 12.52
C THR A 336 -30.60 -16.41 13.19
N ARG A 337 -30.84 -17.10 14.30
CA ARG A 337 -29.76 -17.68 15.10
C ARG A 337 -28.98 -18.70 14.29
N GLU A 338 -29.72 -19.44 13.47
CA GLU A 338 -29.13 -20.45 12.60
C GLU A 338 -28.22 -19.82 11.55
N GLN A 339 -28.65 -18.69 10.99
CA GLN A 339 -27.86 -17.99 9.99
C GLN A 339 -26.57 -17.43 10.58
N VAL A 340 -26.74 -16.70 11.67
CA VAL A 340 -25.62 -16.09 12.36
C VAL A 340 -24.57 -17.14 12.71
N GLN A 341 -25.02 -18.24 13.30
CA GLN A 341 -24.11 -19.31 13.67
C GLN A 341 -23.47 -19.95 12.45
N TRP A 342 -24.22 -20.14 11.38
CA TRP A 342 -23.64 -20.74 10.19
C TRP A 342 -22.50 -19.89 9.64
N TRP A 343 -22.74 -18.60 9.50
CA TRP A 343 -21.73 -17.70 8.97
C TRP A 343 -20.53 -17.57 9.89
N LEU A 344 -20.78 -17.45 11.20
CA LEU A 344 -19.67 -17.39 12.15
C LEU A 344 -18.77 -18.60 12.00
N LEU A 345 -19.37 -19.74 11.74
CA LEU A 345 -18.61 -20.97 11.57
C LEU A 345 -17.79 -20.92 10.27
N GLN A 346 -18.37 -20.39 9.20
CA GLN A 346 -17.62 -20.28 7.95
C GLN A 346 -16.37 -19.43 8.14
N LEU A 347 -16.58 -18.26 8.75
CA LEU A 347 -15.48 -17.36 9.03
C LEU A 347 -14.46 -18.00 9.96
N ALA A 348 -14.96 -18.62 11.03
CA ALA A 348 -14.11 -19.28 12.00
C ALA A 348 -13.27 -20.37 11.35
N GLN A 349 -13.82 -21.03 10.34
CA GLN A 349 -13.10 -22.10 9.66
C GLN A 349 -12.01 -21.54 8.75
N GLU A 350 -12.30 -20.48 8.00
CA GLU A 350 -11.27 -19.88 7.18
C GLU A 350 -10.13 -19.36 8.06
N LEU A 351 -10.54 -18.72 9.15
CA LEU A 351 -9.58 -18.16 10.09
C LEU A 351 -8.70 -19.25 10.69
N GLU A 352 -9.33 -20.36 11.08
CA GLU A 352 -8.57 -21.46 11.67
C GLU A 352 -7.50 -21.96 10.71
N GLU A 353 -7.85 -22.20 9.44
CA GLU A 353 -6.84 -22.66 8.50
C GLU A 353 -5.76 -21.60 8.30
N ARG A 354 -6.15 -20.33 8.24
CA ARG A 354 -5.16 -19.28 8.05
C ARG A 354 -4.25 -19.16 9.27
N LEU A 355 -4.80 -19.30 10.48
CA LEU A 355 -4.00 -19.23 11.70
C LEU A 355 -3.07 -20.42 11.84
N THR A 356 -3.55 -21.62 11.55
CA THR A 356 -2.71 -22.80 11.67
C THR A 356 -1.50 -22.71 10.74
N LYS A 357 -1.73 -22.21 9.54
CA LYS A 357 -0.64 -22.03 8.60
C LYS A 357 0.33 -20.97 9.09
N ASP A 358 -0.21 -19.87 9.61
CA ASP A 358 0.62 -18.78 10.10
C ASP A 358 1.57 -19.26 11.20
N ARG A 359 1.05 -20.05 12.12
CA ARG A 359 1.85 -20.54 13.24
C ARG A 359 2.99 -21.43 12.76
N ASN A 360 2.69 -22.30 11.80
CA ASN A 360 3.71 -23.19 11.26
C ASN A 360 4.78 -22.40 10.49
N ASP A 361 4.37 -21.37 9.77
CA ASP A 361 5.28 -20.58 8.95
C ASP A 361 6.04 -19.54 9.78
N ASN A 362 5.39 -18.88 10.73
CA ASN A 362 5.99 -17.72 11.37
C ASN A 362 6.25 -17.90 12.87
N ASP A 363 6.12 -19.10 13.42
CA ASP A 363 6.46 -19.33 14.84
C ASP A 363 5.81 -18.31 15.77
N ARG A 364 4.53 -18.10 15.60
CA ARG A 364 3.78 -17.21 16.47
C ARG A 364 2.34 -17.70 16.62
N VAL A 365 1.71 -17.31 17.70
CA VAL A 365 0.33 -17.69 17.95
C VAL A 365 -0.50 -16.48 18.38
N ALA A 366 -1.68 -16.35 17.80
CA ALA A 366 -2.59 -15.29 18.19
C ALA A 366 -3.17 -15.59 19.56
N THR A 367 -3.35 -14.60 20.41
CA THR A 367 -3.85 -14.85 21.76
C THR A 367 -5.19 -14.19 22.01
N GLN A 368 -5.66 -13.35 21.08
CA GLN A 368 -6.93 -12.67 21.29
C GLN A 368 -7.79 -12.71 20.03
N LEU A 369 -9.08 -12.88 20.26
CA LEU A 369 -10.04 -12.88 19.16
C LEU A 369 -10.98 -11.69 19.27
N VAL A 370 -11.02 -10.93 18.20
CA VAL A 370 -11.88 -9.76 18.13
C VAL A 370 -13.09 -10.06 17.28
N VAL A 371 -14.27 -9.75 17.81
CA VAL A 371 -15.52 -9.98 17.09
C VAL A 371 -16.24 -8.69 16.84
N SER A 372 -16.48 -8.40 15.56
CA SER A 372 -17.12 -7.15 15.16
C SER A 372 -18.38 -7.43 14.33
N ILE A 373 -19.38 -6.58 14.50
CA ILE A 373 -20.62 -6.70 13.74
C ILE A 373 -21.15 -5.33 13.35
N ARG A 374 -22.07 -5.37 12.40
CA ARG A 374 -22.80 -4.19 12.00
C ARG A 374 -24.28 -4.51 12.03
N VAL A 375 -25.09 -3.58 12.52
CA VAL A 375 -26.53 -3.80 12.53
C VAL A 375 -27.20 -2.96 11.46
N GLN A 376 -28.20 -3.53 10.83
CA GLN A 376 -28.92 -2.81 9.79
C GLN A 376 -29.43 -1.47 10.32
N GLY A 377 -29.23 -0.41 9.53
CA GLY A 377 -29.66 0.90 9.98
C GLY A 377 -28.52 1.70 10.58
N ASP A 378 -27.34 1.06 10.72
CA ASP A 378 -26.16 1.78 11.23
C ASP A 378 -25.26 2.16 10.06
N LYS A 379 -24.91 3.46 9.99
CA LYS A 379 -24.12 4.01 8.90
C LYS A 379 -22.66 3.60 8.97
N ARG A 380 -22.15 3.37 10.19
CA ARG A 380 -20.73 3.11 10.41
C ARG A 380 -20.28 1.74 9.92
N LEU A 381 -18.98 1.64 9.70
CA LEU A 381 -18.33 0.41 9.28
C LEU A 381 -18.59 -0.71 10.30
N SER A 382 -18.49 -0.34 11.57
CA SER A 382 -18.75 -1.27 12.66
C SER A 382 -19.76 -0.70 13.64
N SER A 383 -20.70 -1.53 14.06
CA SER A 383 -21.67 -1.11 15.06
C SER A 383 -21.17 -1.44 16.46
N LEU A 384 -20.47 -2.58 16.57
CA LEU A 384 -19.97 -3.03 17.87
C LEU A 384 -18.71 -3.89 17.72
N ARG A 385 -17.82 -3.75 18.71
CA ARG A 385 -16.59 -4.52 18.76
C ARG A 385 -16.40 -5.13 20.14
N ARG A 386 -16.14 -6.43 20.20
CA ARG A 386 -15.92 -7.12 21.46
C ARG A 386 -14.80 -8.14 21.32
N CYS A 387 -14.02 -8.35 22.38
CA CYS A 387 -12.91 -9.28 22.29
C CYS A 387 -13.04 -10.38 23.34
N CYS A 388 -12.35 -11.47 23.06
CA CYS A 388 -12.28 -12.59 23.96
C CYS A 388 -10.98 -13.36 23.76
N ALA A 389 -10.62 -14.20 24.71
CA ALA A 389 -9.39 -14.96 24.59
C ALA A 389 -9.47 -15.94 23.44
N LEU A 390 -8.34 -16.09 22.77
CA LEU A 390 -8.18 -17.10 21.74
C LEU A 390 -7.14 -18.11 22.20
N THR A 391 -7.58 -19.17 22.90
CA THR A 391 -6.66 -20.12 23.52
C THR A 391 -6.44 -21.36 22.65
N ARG A 392 -7.36 -21.67 21.75
N ARG A 392 -7.37 -21.66 21.75
CA ARG A 392 -7.21 -22.84 20.90
CA ARG A 392 -7.24 -22.84 20.90
C ARG A 392 -7.57 -22.53 19.45
C ARG A 392 -7.57 -22.52 19.45
N TYR A 393 -6.78 -23.06 18.53
CA TYR A 393 -7.01 -22.86 17.10
C TYR A 393 -8.06 -23.83 16.59
N ASP A 394 -9.26 -23.67 17.09
CA ASP A 394 -10.36 -24.51 16.69
C ASP A 394 -11.55 -23.68 16.25
N ALA A 395 -11.98 -23.86 15.02
CA ALA A 395 -13.07 -23.08 14.46
C ALA A 395 -14.36 -23.23 15.28
N HIS A 396 -14.70 -24.45 15.68
CA HIS A 396 -15.92 -24.66 16.44
C HIS A 396 -15.92 -23.86 17.74
N LYS A 397 -14.79 -23.82 18.43
CA LYS A 397 -14.72 -23.05 19.67
C LYS A 397 -14.79 -21.55 19.42
N MET A 398 -14.03 -21.07 18.43
CA MET A 398 -14.02 -19.65 18.12
C MET A 398 -15.39 -19.17 17.66
N SER A 399 -16.09 -19.98 16.86
CA SER A 399 -17.42 -19.61 16.40
C SER A 399 -18.40 -19.53 17.56
N HIS A 400 -18.33 -20.50 18.46
CA HIS A 400 -19.20 -20.52 19.63
C HIS A 400 -18.85 -19.37 20.57
N ASP A 401 -17.57 -19.13 20.80
CA ASP A 401 -17.15 -18.02 21.65
C ASP A 401 -17.62 -16.69 21.09
N ALA A 402 -17.54 -16.57 19.76
CA ALA A 402 -17.96 -15.36 19.07
C ALA A 402 -19.45 -15.11 19.27
N PHE A 403 -20.24 -16.18 19.19
CA PHE A 403 -21.68 -16.07 19.39
C PHE A 403 -22.00 -15.58 20.80
N THR A 404 -21.40 -16.26 21.77
CA THR A 404 -21.54 -15.90 23.16
C THR A 404 -21.33 -14.38 23.34
N VAL A 405 -20.28 -13.91 22.66
CA VAL A 405 -19.87 -12.51 22.77
C VAL A 405 -20.88 -11.56 22.14
N ILE A 406 -21.64 -11.96 21.13
CA ILE A 406 -22.57 -11.03 20.50
C ILE A 406 -24.03 -11.37 20.80
N LYS A 407 -24.28 -12.26 21.75
CA LYS A 407 -25.66 -12.61 22.10
C LYS A 407 -26.43 -11.41 22.63
N ASN A 408 -25.72 -10.44 23.20
CA ASN A 408 -26.34 -9.30 23.88
C ASN A 408 -27.09 -8.35 22.93
N MET A 409 -26.62 -8.17 21.69
CA MET A 409 -27.25 -7.21 20.76
C MET A 409 -28.63 -7.67 20.32
N ASN A 410 -28.84 -8.98 20.21
CA ASN A 410 -30.10 -9.53 19.70
C ASN A 410 -31.29 -9.18 20.60
N THR A 411 -32.45 -8.95 19.96
CA THR A 411 -33.70 -8.72 20.69
C THR A 411 -34.64 -9.93 20.53
N SER A 412 -35.40 -10.21 21.58
CA SER A 412 -36.20 -11.44 21.68
C SER A 412 -37.29 -11.58 20.62
N GLY A 413 -37.66 -12.86 20.45
CA GLY A 413 -38.70 -13.28 19.52
C GLY A 413 -38.86 -14.79 19.49
N THR A 416 -36.40 -17.94 17.55
CA THR A 416 -35.11 -18.19 16.91
C THR A 416 -34.69 -17.00 16.05
N GLU A 417 -35.34 -15.86 16.26
CA GLU A 417 -35.13 -14.67 15.43
C GLU A 417 -34.01 -13.77 15.95
N TRP A 418 -33.45 -12.99 15.01
CA TRP A 418 -32.39 -12.06 15.33
C TRP A 418 -32.73 -10.65 14.88
N SER A 419 -32.65 -9.67 15.77
CA SER A 419 -32.99 -8.31 15.39
C SER A 419 -32.40 -7.29 16.35
N PRO A 420 -31.99 -6.14 15.78
CA PRO A 420 -32.11 -5.96 14.32
C PRO A 420 -31.20 -6.93 13.58
N PRO A 421 -31.43 -7.11 12.27
CA PRO A 421 -30.60 -8.03 11.47
C PRO A 421 -29.18 -7.51 11.28
N LEU A 422 -28.25 -8.44 11.10
CA LEU A 422 -26.83 -8.11 10.97
C LEU A 422 -26.40 -7.91 9.52
N THR A 423 -25.76 -6.79 9.27
CA THR A 423 -25.28 -6.44 7.93
C THR A 423 -23.81 -6.81 7.76
N MET A 424 -23.13 -7.21 8.84
CA MET A 424 -21.72 -7.56 8.73
C MET A 424 -21.25 -8.42 9.91
N LEU A 425 -20.33 -9.31 9.59
CA LEU A 425 -19.65 -10.14 10.59
C LEU A 425 -18.14 -10.09 10.38
N PHE A 426 -17.36 -9.96 11.45
CA PHE A 426 -15.92 -9.87 11.32
C PHE A 426 -15.21 -10.56 12.49
N LEU A 427 -14.38 -11.53 12.14
CA LEU A 427 -13.54 -12.21 13.11
C LEU A 427 -12.08 -11.85 12.87
N CYS A 428 -11.36 -11.45 13.88
CA CYS A 428 -9.97 -11.06 13.69
C CYS A 428 -9.08 -11.59 14.80
N ALA A 429 -8.02 -12.29 14.41
CA ALA A 429 -7.05 -12.78 15.36
C ALA A 429 -6.00 -11.70 15.63
N THR A 430 -5.64 -11.47 16.88
CA THR A 430 -4.71 -10.41 17.24
C THR A 430 -3.87 -10.79 18.45
N LYS A 431 -2.94 -9.89 18.82
CA LYS A 431 -2.07 -10.08 19.97
C LYS A 431 -1.25 -11.36 19.87
N PHE A 432 -0.48 -11.45 18.78
CA PHE A 432 0.40 -12.58 18.55
C PHE A 432 1.56 -12.59 19.53
N SER A 433 1.99 -13.80 19.88
CA SER A 433 3.14 -14.01 20.73
C SER A 433 3.99 -15.16 20.21
N ALA A 434 5.29 -15.12 20.47
CA ALA A 434 6.21 -16.14 19.98
C ALA A 434 5.76 -17.56 20.34
N SER A 435 6.02 -18.49 19.43
CA SER A 435 5.67 -19.88 19.63
C SER A 435 6.69 -20.80 18.96
P TTD B 6 -11.32 -11.18 4.15
OP1 TTD B 6 -10.00 -11.82 3.88
OP2 TTD B 6 -12.46 -12.04 4.60
O5' TTD B 6 -11.11 -10.00 5.19
C5' TTD B 6 -9.82 -9.67 5.72
C4R TTD B 6 -8.95 -9.01 4.68
O4' TTD B 6 -9.48 -7.75 4.23
C3R TTD B 6 -7.57 -8.66 5.24
O3R TTD B 6 -6.62 -9.66 5.07
C2' TTD B 6 -7.13 -7.46 4.44
C1' TTD B 6 -8.41 -6.81 4.01
N1 TTD B 6 -8.71 -5.55 4.71
C2 TTD B 6 -8.53 -4.37 4.02
O2 TTD B 6 -7.69 -4.29 3.15
N3 TTD B 6 -9.17 -3.22 4.47
C4 TTD B 6 -10.19 -3.23 5.42
O4 TTD B 6 -11.02 -2.33 5.46
C5 TTD B 6 -10.30 -4.27 6.40
C5A TTD B 6 -11.68 -5.01 6.32
C6 TTD B 6 -9.35 -5.37 6.03
PB TTD B 6 -5.66 -9.97 6.31
O5P TTD B 6 -6.54 -10.16 7.50
O4P TTD B 6 -4.68 -11.02 5.94
O5R TTD B 6 -4.85 -8.62 6.44
C5R TTD B 6 -4.94 -7.81 7.59
O4R TTD B 6 -5.78 -5.83 6.55
C2R TTD B 6 -4.89 -4.14 7.94
C1R TTD B 6 -5.91 -4.45 6.84
N1T TTD B 6 -7.30 -3.89 7.06
C2T TTD B 6 -7.39 -2.52 7.21
O2T TTD B 6 -6.44 -1.81 6.87
N3T TTD B 6 -8.54 -1.95 7.62
C4T TTD B 6 -9.57 -2.76 8.00
O4T TTD B 6 -10.54 -2.18 8.53
C5T TTD B 6 -9.62 -4.22 7.79
C5M TTD B 6 -10.36 -5.01 8.87
C6T TTD B 6 -8.31 -4.98 7.19
C4' TTD B 6 -4.60 -6.40 7.21
C3' TTD B 6 -4.32 -5.49 8.40
O3' TTD B 6 -2.90 -5.44 8.54
N1 XG4 D . -10.83 -3.30 -2.32
C2 XG4 D . -10.32 -4.57 -2.40
N2 XG4 D . -11.11 -5.58 -2.02
N3 XG4 D . -9.05 -4.79 -2.82
C4 XG4 D . -8.25 -3.78 -3.22
C5 XG4 D . -8.75 -2.41 -3.13
C6 XG4 D . -10.13 -2.20 -2.72
O6 XG4 D . -10.57 -1.07 -2.64
N7 XG4 D . -7.80 -1.60 -3.58
C8 XG4 D . -6.74 -2.28 -3.88
N9 XG4 D . -6.93 -3.65 -3.66
PA XG4 D . -2.77 -0.88 -5.31
PB XG4 D . -2.68 -1.97 -8.16
PG XG4 D . -1.12 0.03 -9.37
C1' XG4 D . -5.99 -4.78 -3.90
O1A XG4 D . -1.52 -0.94 -5.30
O1B XG4 D . -1.61 -2.57 -7.71
O1G XG4 D . -0.48 0.02 -8.20
C2' XG4 D . -6.01 -5.13 -5.41
O2A XG4 D . -3.53 0.22 -4.76
O2B XG4 D . -3.65 -2.73 -8.54
O2G XG4 D . -0.30 -0.21 -10.45
C3' XG4 D . -4.76 -4.53 -6.02
O3' XG4 D . -4.25 -5.04 -7.13
N3A XG4 D . -3.32 -1.05 -6.87
O3B XG4 D . -2.26 -1.02 -9.37
O3G XG4 D . -1.78 1.28 -9.59
C4' XG4 D . -3.88 -4.56 -4.74
O4' XG4 D . -4.68 -4.50 -3.63
C5' XG4 D . -2.86 -3.40 -4.75
O5' XG4 D . -3.31 -2.05 -4.49
MG MG E . -0.03 -1.60 -6.72
MG MG F . -0.36 -0.59 -3.35
C1 GOL G . 0.76 -14.33 4.75
O1 GOL G . 0.22 -13.11 4.16
C2 GOL G . 2.23 -14.09 5.05
O2 GOL G . 2.39 -12.87 5.74
C3 GOL G . 2.71 -15.39 5.74
O3 GOL G . 4.04 -15.23 6.23
C1 GOL H . 5.07 26.70 -2.68
O1 GOL H . 3.70 26.32 -2.46
C2 GOL H . 5.94 25.60 -2.06
O2 GOL H . 5.98 24.52 -3.13
C3 GOL H . 7.34 26.09 -2.07
O3 GOL H . 8.14 25.20 -1.27
C1 GOL I . -1.43 6.66 -8.81
O1 GOL I . -1.39 8.06 -9.06
C2 GOL I . -1.18 5.90 -10.11
O2 GOL I . 0.02 6.25 -10.80
C3 GOL I . -1.15 4.44 -9.83
O3 GOL I . -0.87 3.76 -11.06
C1 GOL J . -11.03 -16.01 -17.13
O1 GOL J . -11.33 -14.84 -17.92
C2 GOL J . -10.44 -15.70 -15.76
O2 GOL J . -11.98 -15.67 -15.49
C3 GOL J . -9.91 -17.05 -15.76
O3 GOL J . -8.74 -16.82 -14.83
C1 GOL K . 11.40 -8.91 8.87
O1 GOL K . 11.73 -8.40 10.20
C2 GOL K . 11.94 -7.99 7.79
O2 GOL K . 11.32 -6.59 8.06
C3 GOL K . 12.17 -8.40 6.48
O3 GOL K . 13.00 -7.47 5.81
C1 GOL L . 1.12 32.81 9.47
O1 GOL L . 2.52 32.83 9.22
C2 GOL L . 0.32 33.49 8.40
O2 GOL L . 0.60 33.00 7.10
C3 GOL L . -1.17 33.36 8.72
O3 GOL L . -1.90 33.96 7.64
C1 GOL M . 2.38 -18.57 -5.05
O1 GOL M . 2.33 -17.38 -4.24
C2 GOL M . 3.50 -19.42 -4.50
O2 GOL M . 3.44 -19.54 -3.11
C3 GOL M . 3.54 -20.75 -5.25
O3 GOL M . 4.52 -21.57 -4.63
N1 XG4 N . 0.45 10.70 9.39
C2 XG4 N . 1.54 10.03 9.90
N2 XG4 N . 2.01 8.98 9.21
N3 XG4 N . 2.13 10.42 11.06
C4 XG4 N . 1.64 11.48 11.77
C5 XG4 N . 0.48 12.19 11.24
C6 XG4 N . -0.13 11.78 10.01
O6 XG4 N . -1.09 12.36 9.56
N7 XG4 N . 0.20 13.17 12.10
C8 XG4 N . 1.05 13.16 13.10
N9 XG4 N . 1.97 12.13 12.94
C1' XG4 N . 3.10 11.74 13.80
#